data_7WSL
#
_entry.id   7WSL
#
_cell.length_a   39.600
_cell.length_b   44.870
_cell.length_c   76.960
_cell.angle_alpha   93.800
_cell.angle_beta   98.180
_cell.angle_gamma   97.950
#
_symmetry.space_group_name_H-M   'P 1'
#
loop_
_entity.id
_entity.type
_entity.pdbx_description
1 polymer 'light chain'
2 polymer 'Programmed cell death protein 1'
3 polymer 'heavy chain'
4 water water
#
loop_
_entity_poly.entity_id
_entity_poly.type
_entity_poly.pdbx_seq_one_letter_code
_entity_poly.pdbx_strand_id
1 'polypeptide(L)'
;DIQLTQSPSFLSAYVGDRVTITCKASQDVGTAVAWYQQKPGKAPKLLIYWASTLHTGVPSRFSGSGSGTEFTLTISSLQP
EDFATYYCQHYSSYPWTFGQGTKLEIKRTVAAPSVFIFPPSDEQLKSGTASVVCLLNNFYPREAKVQWKVDNALQSGNSQ
ESVTEQDSKDSTYSLSSTLTLSKADYEKHKVYACEVTHQGLSSPVTKSFNRGEC
;
L
2 'polypeptide(L)'
;DRPWNPPTFSPALLVVTEGDNATFTCSFSNTSESFVLNWYRMSPSNQTDKLAAFPEDRSQPGQDSRFRVTQLPNGRDFHM
SVVRARRNDSGTYLCGAISLAPKAQIKESLRAELRVTERRAELEHHHHHH
;
D
3 'polypeptide(L)'
;EVQLLESGGGLVQPGGSLRLSCAASGFTFSSYDMSWVRQAPGKGLEWVSTISGGGSYTYYQDSVKGRFTISRDNSKNTLY
LQMNSLRAEDTAVYYCASPYYAMDYWGQGTTVTVSSASTKGPSVFPLAPSSKSTSGGTAALGCLVKDYFPEPVTVSWNSG
ALTSGVHTFPAVLQSSGLYSLSSVVTVPSSSLGTQTYICNVNHKPSNTKVDKKVEPKSCDKTHHHHHH
;
H
#
# COMPACT_ATOMS: atom_id res chain seq x y z
N ASP A 1 -4.22 18.66 2.67
CA ASP A 1 -5.34 19.59 2.66
C ASP A 1 -6.62 18.93 3.16
N ILE A 2 -7.07 17.87 2.49
CA ILE A 2 -8.20 17.08 2.98
C ILE A 2 -7.64 15.81 3.61
N GLN A 3 -8.04 15.52 4.84
CA GLN A 3 -7.59 14.32 5.52
C GLN A 3 -8.66 13.25 5.42
N LEU A 4 -8.22 12.00 5.29
CA LEU A 4 -9.09 10.82 5.30
C LEU A 4 -8.70 9.95 6.48
N THR A 5 -9.67 9.58 7.29
CA THR A 5 -9.43 8.72 8.45
C THR A 5 -10.30 7.48 8.33
N GLN A 6 -9.68 6.31 8.32
CA GLN A 6 -10.41 5.05 8.26
C GLN A 6 -10.67 4.49 9.65
N SER A 7 -11.74 3.71 9.78
CA SER A 7 -12.03 3.05 11.03
C SER A 7 -12.55 1.65 10.70
N PRO A 8 -12.01 0.61 11.34
CA PRO A 8 -10.87 0.64 12.26
C PRO A 8 -9.56 0.55 11.49
N SER A 9 -8.42 0.69 12.19
CA SER A 9 -7.15 0.42 11.52
C SER A 9 -6.90 -1.07 11.37
N PHE A 10 -7.45 -1.86 12.28
CA PHE A 10 -7.28 -3.30 12.28
C PHE A 10 -8.62 -3.93 12.59
N LEU A 11 -8.99 -4.94 11.80
CA LEU A 11 -10.28 -5.59 11.90
C LEU A 11 -10.05 -7.08 11.70
N SER A 12 -10.49 -7.88 12.67
CA SER A 12 -10.47 -9.32 12.54
C SER A 12 -11.88 -9.83 12.25
N ALA A 13 -11.97 -10.78 11.32
CA ALA A 13 -13.26 -11.37 11.00
C ALA A 13 -13.06 -12.81 10.56
N TYR A 14 -14.16 -13.55 10.56
CA TYR A 14 -14.16 -14.92 10.03
C TYR A 14 -14.56 -14.93 8.56
N VAL A 15 -14.12 -15.98 7.87
CA VAL A 15 -14.64 -16.26 6.54
C VAL A 15 -16.16 -16.35 6.60
N GLY A 16 -16.84 -15.72 5.64
CA GLY A 16 -18.28 -15.66 5.63
C GLY A 16 -18.89 -14.42 6.26
N ASP A 17 -18.10 -13.67 7.03
CA ASP A 17 -18.62 -12.51 7.73
C ASP A 17 -18.85 -11.33 6.80
N ARG A 18 -19.80 -10.48 7.17
CA ARG A 18 -19.89 -9.15 6.58
C ARG A 18 -18.88 -8.24 7.26
N VAL A 19 -18.15 -7.47 6.45
CA VAL A 19 -17.15 -6.54 6.95
C VAL A 19 -17.52 -5.14 6.48
N THR A 20 -17.35 -4.16 7.36
CA THR A 20 -17.68 -2.76 7.06
C THR A 20 -16.49 -1.92 7.47
N ILE A 21 -15.94 -1.15 6.52
CA ILE A 21 -14.82 -0.25 6.77
C ILE A 21 -15.26 1.14 6.40
N THR A 22 -15.05 2.10 7.29
CA THR A 22 -15.51 3.46 7.04
C THR A 22 -14.33 4.38 6.75
N CYS A 23 -14.62 5.44 6.00
CA CYS A 23 -13.62 6.44 5.63
C CYS A 23 -14.28 7.80 5.81
N LYS A 24 -13.71 8.63 6.69
CA LYS A 24 -14.26 9.95 6.98
C LYS A 24 -13.33 11.01 6.39
N ALA A 25 -13.87 11.89 5.56
CA ALA A 25 -13.10 13.01 5.01
C ALA A 25 -13.27 14.27 5.85
N SER A 26 -12.19 15.06 5.96
CA SER A 26 -12.22 16.28 6.75
C SER A 26 -13.02 17.39 6.09
N GLN A 27 -13.35 17.25 4.80
CA GLN A 27 -14.32 18.13 4.17
C GLN A 27 -14.92 17.41 2.98
N ASP A 28 -15.92 18.06 2.38
CA ASP A 28 -16.72 17.49 1.30
C ASP A 28 -15.84 17.11 0.11
N VAL A 29 -15.90 15.84 -0.29
CA VAL A 29 -15.20 15.39 -1.48
C VAL A 29 -16.18 14.84 -2.52
N GLY A 30 -17.47 15.17 -2.38
CA GLY A 30 -18.47 14.73 -3.34
C GLY A 30 -18.57 13.22 -3.37
N THR A 31 -18.35 12.63 -4.55
CA THR A 31 -18.26 11.19 -4.69
C THR A 31 -16.92 10.77 -5.26
N ALA A 32 -15.92 11.65 -5.20
CA ALA A 32 -14.61 11.38 -5.81
C ALA A 32 -13.74 10.57 -4.85
N VAL A 33 -14.20 9.33 -4.59
CA VAL A 33 -13.56 8.43 -3.62
C VAL A 33 -13.35 7.07 -4.26
N ALA A 34 -12.19 6.47 -4.00
CA ALA A 34 -11.84 5.15 -4.46
C ALA A 34 -11.41 4.28 -3.30
N TRP A 35 -11.50 2.97 -3.51
CA TRP A 35 -11.03 1.98 -2.55
C TRP A 35 -10.10 1.02 -3.26
N TYR A 36 -9.02 0.64 -2.56
CA TYR A 36 -7.99 -0.25 -3.06
C TYR A 36 -7.74 -1.37 -2.06
N GLN A 37 -7.32 -2.51 -2.60
CA GLN A 37 -6.81 -3.61 -1.80
C GLN A 37 -5.31 -3.74 -2.02
N GLN A 38 -4.56 -3.99 -0.95
CA GLN A 38 -3.13 -4.25 -1.09
C GLN A 38 -2.73 -5.42 -0.22
N LYS A 39 -1.98 -6.37 -0.81
CA LYS A 39 -1.40 -7.47 -0.08
C LYS A 39 0.11 -7.29 0.04
N PRO A 40 0.75 -7.92 1.03
CA PRO A 40 2.18 -7.67 1.26
C PRO A 40 3.02 -7.95 0.01
N GLY A 41 3.93 -7.02 -0.28
CA GLY A 41 4.83 -7.16 -1.40
C GLY A 41 4.24 -6.88 -2.77
N LYS A 42 2.98 -6.45 -2.84
CA LYS A 42 2.29 -6.24 -4.10
C LYS A 42 1.76 -4.81 -4.20
N ALA A 43 1.54 -4.35 -5.43
CA ALA A 43 0.91 -3.06 -5.65
C ALA A 43 -0.56 -3.09 -5.25
N PRO A 44 -1.14 -1.94 -4.89
CA PRO A 44 -2.59 -1.88 -4.71
C PRO A 44 -3.36 -2.24 -5.97
N LYS A 45 -4.58 -2.72 -5.77
CA LYS A 45 -5.53 -2.98 -6.83
C LYS A 45 -6.80 -2.17 -6.59
N LEU A 46 -7.31 -1.56 -7.66
CA LEU A 46 -8.54 -0.78 -7.56
C LEU A 46 -9.75 -1.69 -7.38
N LEU A 47 -10.61 -1.36 -6.40
CA LEU A 47 -11.88 -2.07 -6.20
C LEU A 47 -13.09 -1.27 -6.63
N ILE A 48 -13.19 -0.02 -6.18
CA ILE A 48 -14.37 0.84 -6.25
C ILE A 48 -13.90 2.23 -6.61
N TYR A 49 -14.64 2.94 -7.45
CA TYR A 49 -14.36 4.35 -7.69
C TYR A 49 -15.69 5.11 -7.83
N TRP A 50 -15.61 6.45 -7.84
CA TRP A 50 -16.78 7.32 -7.74
C TRP A 50 -17.68 6.90 -6.57
N ALA A 51 -17.04 6.33 -5.56
CA ALA A 51 -17.50 5.93 -4.23
C ALA A 51 -18.44 4.74 -4.22
N SER A 52 -19.00 4.35 -5.37
CA SER A 52 -19.91 3.21 -5.39
C SER A 52 -19.82 2.38 -6.66
N THR A 53 -18.93 2.71 -7.59
CA THR A 53 -18.88 1.99 -8.85
C THR A 53 -17.90 0.84 -8.71
N LEU A 54 -18.40 -0.37 -8.91
CA LEU A 54 -17.56 -1.56 -8.88
C LEU A 54 -16.70 -1.63 -10.13
N HIS A 55 -15.38 -1.70 -9.93
CA HIS A 55 -14.45 -1.76 -11.03
C HIS A 55 -14.54 -3.10 -11.74
N THR A 56 -14.23 -3.10 -13.03
CA THR A 56 -14.34 -4.31 -13.83
C THR A 56 -13.37 -5.36 -13.31
N GLY A 57 -13.81 -6.61 -13.31
CA GLY A 57 -12.99 -7.70 -12.83
C GLY A 57 -12.86 -7.80 -11.33
N VAL A 58 -13.65 -7.04 -10.56
CA VAL A 58 -13.64 -7.11 -9.10
C VAL A 58 -14.83 -7.94 -8.62
N PRO A 59 -14.67 -8.83 -7.65
CA PRO A 59 -15.80 -9.65 -7.20
C PRO A 59 -16.97 -8.82 -6.66
N SER A 60 -18.18 -9.35 -6.88
CA SER A 60 -19.39 -8.61 -6.53
C SER A 60 -19.63 -8.49 -5.04
N ARG A 61 -18.89 -9.23 -4.20
CA ARG A 61 -19.04 -9.06 -2.76
C ARG A 61 -18.48 -7.74 -2.25
N PHE A 62 -17.72 -7.02 -3.07
CA PHE A 62 -17.24 -5.68 -2.72
C PHE A 62 -18.26 -4.66 -3.17
N SER A 63 -18.64 -3.75 -2.27
CA SER A 63 -19.47 -2.62 -2.63
C SER A 63 -19.02 -1.41 -1.84
N GLY A 64 -19.20 -0.24 -2.44
CA GLY A 64 -18.90 1.02 -1.79
C GLY A 64 -20.14 1.89 -1.76
N SER A 65 -20.22 2.74 -0.73
CA SER A 65 -21.32 3.69 -0.63
C SER A 65 -20.81 4.97 0.00
N GLY A 66 -21.59 6.03 -0.16
CA GLY A 66 -21.35 7.28 0.51
C GLY A 66 -21.24 8.46 -0.44
N SER A 67 -21.29 9.65 0.15
CA SER A 67 -21.10 10.91 -0.55
C SER A 67 -20.78 11.97 0.49
N GLY A 68 -20.10 13.02 0.06
CA GLY A 68 -19.83 14.09 0.98
C GLY A 68 -18.60 13.84 1.82
N THR A 69 -18.79 13.41 3.07
CA THR A 69 -17.65 13.16 3.97
C THR A 69 -17.61 11.77 4.56
N GLU A 70 -18.62 10.92 4.35
CA GLU A 70 -18.67 9.61 4.99
C GLU A 70 -18.82 8.53 3.94
N PHE A 71 -17.85 7.63 3.87
CA PHE A 71 -17.79 6.59 2.85
C PHE A 71 -17.58 5.23 3.52
N THR A 72 -18.12 4.20 2.88
CA THR A 72 -18.07 2.85 3.45
C THR A 72 -17.69 1.85 2.37
N LEU A 73 -16.78 0.94 2.73
CA LEU A 73 -16.49 -0.26 1.94
C LEU A 73 -17.11 -1.43 2.66
N THR A 74 -17.92 -2.21 1.94
CA THR A 74 -18.55 -3.38 2.51
C THR A 74 -18.13 -4.60 1.73
N ILE A 75 -17.71 -5.64 2.45
CA ILE A 75 -17.55 -6.96 1.87
C ILE A 75 -18.74 -7.77 2.39
N SER A 76 -19.64 -8.18 1.48
CA SER A 76 -20.91 -8.75 1.92
C SER A 76 -20.72 -10.09 2.61
N SER A 77 -19.79 -10.91 2.13
CA SER A 77 -19.39 -12.13 2.83
C SER A 77 -17.93 -12.40 2.51
N LEU A 78 -17.10 -12.46 3.55
CA LEU A 78 -15.65 -12.49 3.41
C LEU A 78 -15.13 -13.83 2.91
N GLN A 79 -14.14 -13.78 2.03
CA GLN A 79 -13.46 -14.97 1.51
C GLN A 79 -11.98 -14.96 1.90
N PRO A 80 -11.32 -16.12 1.91
CA PRO A 80 -9.92 -16.17 2.40
C PRO A 80 -8.98 -15.23 1.68
N GLU A 81 -9.16 -15.05 0.37
CA GLU A 81 -8.29 -14.16 -0.39
C GLU A 81 -8.50 -12.69 -0.06
N ASP A 82 -9.50 -12.36 0.75
CA ASP A 82 -9.81 -10.97 1.06
C ASP A 82 -9.02 -10.44 2.25
N PHE A 83 -8.32 -11.28 3.00
CA PHE A 83 -7.50 -10.79 4.09
C PHE A 83 -6.30 -10.07 3.51
N ALA A 84 -6.22 -8.77 3.80
CA ALA A 84 -5.41 -7.80 3.06
C ALA A 84 -5.56 -6.46 3.75
N THR A 85 -4.89 -5.44 3.25
CA THR A 85 -5.09 -4.07 3.71
C THR A 85 -5.90 -3.30 2.68
N TYR A 86 -6.83 -2.48 3.16
CA TYR A 86 -7.71 -1.71 2.31
C TYR A 86 -7.48 -0.23 2.54
N TYR A 87 -7.44 0.54 1.46
CA TYR A 87 -7.21 1.98 1.52
C TYR A 87 -8.32 2.72 0.81
N CYS A 88 -8.82 3.78 1.45
CA CYS A 88 -9.62 4.73 0.71
C CYS A 88 -8.72 5.87 0.21
N GLN A 89 -9.19 6.53 -0.85
CA GLN A 89 -8.49 7.63 -1.47
C GLN A 89 -9.53 8.61 -1.97
N HIS A 90 -9.22 9.91 -1.92
CA HIS A 90 -10.04 10.85 -2.67
C HIS A 90 -9.22 11.46 -3.80
N TYR A 91 -9.93 11.85 -4.86
CA TYR A 91 -9.36 12.58 -5.98
C TYR A 91 -10.22 13.79 -6.29
N SER A 92 -10.76 14.42 -5.24
CA SER A 92 -11.64 15.57 -5.41
C SER A 92 -10.87 16.82 -5.84
N SER A 93 -9.66 16.96 -5.34
CA SER A 93 -8.80 18.11 -5.61
C SER A 93 -7.42 17.74 -5.11
N TYR A 94 -6.47 18.55 -5.47
CA TYR A 94 -5.12 18.20 -5.01
C TYR A 94 -4.81 18.89 -3.69
N PRO A 95 -4.03 18.26 -2.81
CA PRO A 95 -3.36 16.96 -2.97
C PRO A 95 -4.32 15.80 -2.80
N TRP A 96 -4.17 14.77 -3.62
CA TRP A 96 -4.87 13.52 -3.37
C TRP A 96 -4.35 12.92 -2.09
N THR A 97 -5.24 12.34 -1.29
CA THR A 97 -4.83 11.72 -0.05
C THR A 97 -5.51 10.37 0.09
N PHE A 98 -4.81 9.48 0.80
CA PHE A 98 -5.28 8.16 1.18
C PHE A 98 -5.57 8.13 2.67
N GLY A 99 -6.52 7.29 3.05
CA GLY A 99 -6.64 6.91 4.44
C GLY A 99 -5.44 6.11 4.90
N GLN A 100 -5.38 5.87 6.21
CA GLN A 100 -4.19 5.24 6.79
C GLN A 100 -4.12 3.75 6.52
N GLY A 101 -5.19 3.15 5.99
CA GLY A 101 -5.25 1.72 5.78
C GLY A 101 -5.97 0.97 6.87
N THR A 102 -6.74 -0.04 6.48
CA THR A 102 -7.40 -0.95 7.40
C THR A 102 -6.91 -2.35 7.07
N LYS A 103 -6.25 -2.99 8.03
CA LYS A 103 -5.75 -4.34 7.84
C LYS A 103 -6.82 -5.34 8.29
N LEU A 104 -7.32 -6.12 7.34
CA LEU A 104 -8.34 -7.12 7.60
C LEU A 104 -7.63 -8.44 7.86
N GLU A 105 -7.78 -8.96 9.09
CA GLU A 105 -7.06 -10.13 9.57
C GLU A 105 -8.03 -11.24 9.99
N ILE A 106 -7.46 -12.44 10.17
CA ILE A 106 -8.26 -13.63 10.45
C ILE A 106 -8.57 -13.70 11.94
N LYS A 107 -9.85 -13.75 12.28
CA LYS A 107 -10.25 -13.86 13.68
C LYS A 107 -10.06 -15.29 14.18
N ARG A 108 -9.72 -15.41 15.47
CA ARG A 108 -9.58 -16.70 16.14
C ARG A 108 -9.76 -16.46 17.63
N THR A 109 -9.65 -17.53 18.42
CA THR A 109 -9.80 -17.41 19.87
C THR A 109 -8.60 -16.71 20.49
N VAL A 110 -8.85 -16.01 21.60
CA VAL A 110 -7.79 -15.33 22.32
C VAL A 110 -6.75 -16.35 22.77
N ALA A 111 -5.48 -16.00 22.59
CA ALA A 111 -4.37 -16.83 23.04
C ALA A 111 -3.34 -15.95 23.72
N ALA A 112 -3.03 -16.26 24.97
CA ALA A 112 -2.01 -15.52 25.70
C ALA A 112 -0.63 -15.86 25.16
N PRO A 113 0.30 -14.92 25.21
CA PRO A 113 1.67 -15.22 24.77
C PRO A 113 2.41 -16.11 25.75
N SER A 114 3.30 -16.93 25.20
CA SER A 114 4.38 -17.53 25.97
C SER A 114 5.55 -16.57 25.92
N VAL A 115 6.13 -16.24 27.08
CA VAL A 115 7.12 -15.19 27.18
C VAL A 115 8.46 -15.80 27.59
N PHE A 116 9.53 -15.34 26.93
CA PHE A 116 10.89 -15.80 27.18
C PHE A 116 11.80 -14.59 27.22
N ILE A 117 12.77 -14.60 28.12
CA ILE A 117 13.76 -13.53 28.19
C ILE A 117 15.13 -14.12 27.94
N PHE A 118 15.96 -13.39 27.19
CA PHE A 118 17.30 -13.82 26.85
C PHE A 118 18.33 -12.79 27.29
N PRO A 119 19.29 -13.15 28.12
CA PRO A 119 20.38 -12.22 28.45
C PRO A 119 21.31 -12.04 27.26
N PRO A 120 22.16 -11.02 27.28
CA PRO A 120 23.18 -10.89 26.24
C PRO A 120 24.21 -12.00 26.33
N SER A 121 24.71 -12.41 25.17
CA SER A 121 25.80 -13.36 25.13
C SER A 121 27.08 -12.74 25.67
N ASP A 122 27.95 -13.60 26.22
CA ASP A 122 29.30 -13.15 26.58
C ASP A 122 30.04 -12.59 25.38
N GLU A 123 29.86 -13.19 24.20
CA GLU A 123 30.51 -12.70 23.00
C GLU A 123 30.14 -11.25 22.71
N GLN A 124 28.83 -10.93 22.75
CA GLN A 124 28.42 -9.55 22.47
C GLN A 124 28.94 -8.60 23.54
N LEU A 125 28.91 -9.03 24.80
CA LEU A 125 29.38 -8.18 25.88
C LEU A 125 30.82 -7.73 25.65
N LYS A 126 31.64 -8.62 25.10
CA LYS A 126 33.01 -8.24 24.75
C LYS A 126 33.03 -7.13 23.72
N SER A 127 32.03 -7.06 22.85
CA SER A 127 31.96 -6.02 21.83
C SER A 127 31.56 -4.65 22.38
N GLY A 128 31.27 -4.56 23.68
CA GLY A 128 30.95 -3.29 24.31
C GLY A 128 29.47 -2.98 24.41
N THR A 129 28.60 -3.92 24.06
CA THR A 129 27.17 -3.67 23.99
C THR A 129 26.42 -4.86 24.55
N ALA A 130 25.24 -4.59 25.10
CA ALA A 130 24.37 -5.62 25.66
C ALA A 130 22.97 -5.47 25.07
N SER A 131 22.53 -6.49 24.35
CA SER A 131 21.15 -6.57 23.88
C SER A 131 20.42 -7.60 24.72
N VAL A 132 19.33 -7.19 25.35
CA VAL A 132 18.46 -8.09 26.11
C VAL A 132 17.17 -8.26 25.32
N VAL A 133 16.73 -9.49 25.14
CA VAL A 133 15.64 -9.77 24.21
C VAL A 133 14.50 -10.45 24.95
N CYS A 134 13.29 -9.93 24.75
CA CYS A 134 12.07 -10.50 25.30
C CYS A 134 11.21 -10.99 24.14
N LEU A 135 10.83 -12.26 24.17
CA LEU A 135 10.03 -12.88 23.13
C LEU A 135 8.62 -13.15 23.64
N LEU A 136 7.62 -12.69 22.89
CA LEU A 136 6.22 -13.00 23.14
C LEU A 136 5.76 -13.90 22.00
N ASN A 137 5.45 -15.15 22.29
CA ASN A 137 5.27 -16.14 21.22
C ASN A 137 3.82 -16.58 21.10
N ASN A 138 3.31 -16.54 19.86
CA ASN A 138 2.08 -17.21 19.44
C ASN A 138 0.86 -16.74 20.24
N PHE A 139 0.59 -15.44 20.12
CA PHE A 139 -0.52 -14.84 20.85
C PHE A 139 -1.55 -14.25 19.87
N TYR A 140 -2.75 -14.01 20.40
CA TYR A 140 -3.83 -13.43 19.63
C TYR A 140 -4.83 -12.80 20.60
N PRO A 141 -5.33 -11.58 20.33
CA PRO A 141 -5.02 -10.75 19.16
C PRO A 141 -3.68 -10.01 19.29
N ARG A 142 -3.41 -9.12 18.32
CA ARG A 142 -2.08 -8.54 18.18
C ARG A 142 -1.74 -7.56 19.31
N GLU A 143 -2.74 -6.95 19.94
CA GLU A 143 -2.47 -5.94 20.95
C GLU A 143 -1.72 -6.54 22.14
N ALA A 144 -0.57 -5.95 22.47
CA ALA A 144 0.21 -6.42 23.63
C ALA A 144 1.14 -5.29 24.02
N LYS A 145 1.52 -5.29 25.30
CA LYS A 145 2.36 -4.24 25.86
C LYS A 145 3.53 -4.88 26.58
N VAL A 146 4.73 -4.39 26.32
CA VAL A 146 5.96 -4.88 26.93
C VAL A 146 6.64 -3.71 27.63
N GLN A 147 6.90 -3.86 28.92
CA GLN A 147 7.68 -2.90 29.70
C GLN A 147 8.94 -3.57 30.22
N TRP A 148 10.06 -2.86 30.16
CA TRP A 148 11.31 -3.34 30.72
C TRP A 148 11.53 -2.72 32.09
N LYS A 149 11.97 -3.54 33.03
CA LYS A 149 12.30 -3.07 34.38
C LYS A 149 13.66 -3.60 34.77
N VAL A 150 14.55 -2.69 35.17
CA VAL A 150 15.91 -3.04 35.55
C VAL A 150 16.09 -2.63 37.00
N ASP A 151 16.22 -3.63 37.88
CA ASP A 151 16.27 -3.39 39.33
C ASP A 151 15.09 -2.52 39.77
N ASN A 152 13.92 -2.83 39.21
CA ASN A 152 12.61 -2.21 39.38
C ASN A 152 12.44 -0.90 38.62
N ALA A 153 13.48 -0.37 37.98
CA ALA A 153 13.38 0.92 37.32
C ALA A 153 12.76 0.72 35.93
N LEU A 154 11.64 1.38 35.69
CA LEU A 154 11.00 1.27 34.38
C LEU A 154 11.85 1.98 33.32
N GLN A 155 12.14 1.27 32.24
CA GLN A 155 12.95 1.80 31.16
C GLN A 155 12.09 2.56 30.15
N SER A 156 12.69 3.57 29.54
CA SER A 156 12.03 4.32 28.48
C SER A 156 13.07 4.75 27.47
N GLY A 157 12.77 4.54 26.19
CA GLY A 157 13.58 5.06 25.11
C GLY A 157 14.68 4.16 24.61
N ASN A 158 14.95 3.05 25.29
CA ASN A 158 16.07 2.18 24.94
C ASN A 158 15.62 0.80 24.50
N SER A 159 14.39 0.68 23.99
CA SER A 159 13.88 -0.59 23.49
C SER A 159 13.22 -0.40 22.14
N GLN A 160 13.21 -1.46 21.35
CA GLN A 160 12.53 -1.48 20.05
C GLN A 160 11.80 -2.79 19.88
N GLU A 161 10.63 -2.73 19.25
CA GLU A 161 9.77 -3.89 19.05
C GLU A 161 9.65 -4.24 17.58
N SER A 162 9.40 -5.53 17.33
CA SER A 162 9.15 -6.05 16.00
C SER A 162 8.13 -7.17 16.10
N VAL A 163 7.15 -7.20 15.18
CA VAL A 163 6.05 -8.16 15.25
C VAL A 163 5.89 -8.86 13.91
N THR A 164 5.58 -10.16 13.96
CA THR A 164 5.36 -10.93 12.76
C THR A 164 3.96 -10.67 12.20
N GLU A 165 3.76 -11.11 10.96
CA GLU A 165 2.42 -11.22 10.40
C GLU A 165 1.73 -12.46 10.96
N GLN A 166 0.41 -12.50 10.81
CA GLN A 166 -0.33 -13.68 11.27
C GLN A 166 0.25 -14.95 10.68
N ASP A 167 0.45 -15.94 11.54
CA ASP A 167 0.99 -17.21 11.09
C ASP A 167 -0.01 -17.92 10.19
N SER A 168 0.50 -18.52 9.12
CA SER A 168 -0.38 -19.07 8.11
C SER A 168 -1.20 -20.26 8.61
N LYS A 169 -0.71 -20.98 9.61
CA LYS A 169 -1.45 -22.16 10.06
C LYS A 169 -2.26 -21.94 11.34
N ASP A 170 -1.81 -21.09 12.28
CA ASP A 170 -2.58 -20.89 13.50
C ASP A 170 -3.05 -19.46 13.72
N SER A 171 -2.74 -18.54 12.81
CA SER A 171 -3.27 -17.17 12.82
C SER A 171 -2.81 -16.37 14.05
N THR A 172 -1.72 -16.76 14.70
CA THR A 172 -1.20 -16.00 15.83
C THR A 172 -0.10 -15.05 15.39
N TYR A 173 0.33 -14.23 16.36
CA TYR A 173 1.46 -13.32 16.20
C TYR A 173 2.58 -13.71 17.15
N SER A 174 3.80 -13.26 16.83
CA SER A 174 4.90 -13.27 17.77
C SER A 174 5.55 -11.90 17.72
N LEU A 175 6.20 -11.53 18.83
CA LEU A 175 6.74 -10.19 18.98
C LEU A 175 8.04 -10.27 19.75
N SER A 176 9.01 -9.48 19.32
CA SER A 176 10.27 -9.33 20.03
C SER A 176 10.40 -7.90 20.53
N SER A 177 10.89 -7.75 21.76
CA SER A 177 11.32 -6.47 22.27
C SER A 177 12.78 -6.56 22.65
N THR A 178 13.58 -5.60 22.21
CA THR A 178 15.01 -5.66 22.43
C THR A 178 15.44 -4.42 23.21
N LEU A 179 16.05 -4.65 24.36
CA LEU A 179 16.59 -3.60 25.21
C LEU A 179 18.08 -3.49 24.95
N THR A 180 18.57 -2.29 24.63
CA THR A 180 19.96 -2.13 24.26
C THR A 180 20.64 -1.19 25.25
N LEU A 181 21.71 -1.69 25.87
CA LEU A 181 22.50 -0.97 26.86
C LEU A 181 23.97 -1.10 26.50
N SER A 182 24.79 -0.17 27.00
CA SER A 182 26.21 -0.39 26.89
C SER A 182 26.63 -1.50 27.86
N LYS A 183 27.79 -2.11 27.56
CA LYS A 183 28.35 -3.12 28.46
C LYS A 183 28.51 -2.58 29.87
N ALA A 184 29.07 -1.38 30.00
CA ALA A 184 29.29 -0.78 31.30
C ALA A 184 27.97 -0.59 32.05
N ASP A 185 26.94 -0.09 31.38
CA ASP A 185 25.65 0.11 32.04
C ASP A 185 25.01 -1.22 32.40
N TYR A 186 25.11 -2.21 31.50
CA TYR A 186 24.56 -3.52 31.76
C TYR A 186 25.15 -4.14 33.03
N GLU A 187 26.46 -4.00 33.22
CA GLU A 187 27.09 -4.63 34.37
C GLU A 187 26.87 -3.87 35.67
N LYS A 188 26.24 -2.70 35.62
CA LYS A 188 25.89 -1.99 36.85
C LYS A 188 24.70 -2.62 37.56
N HIS A 189 23.84 -3.31 36.83
CA HIS A 189 22.57 -3.73 37.37
C HIS A 189 22.48 -5.25 37.46
N LYS A 190 21.51 -5.71 38.24
CA LYS A 190 21.39 -7.14 38.53
C LYS A 190 20.16 -7.76 37.87
N VAL A 191 18.96 -7.25 38.14
CA VAL A 191 17.73 -7.93 37.74
C VAL A 191 17.18 -7.26 36.49
N TYR A 192 17.06 -8.04 35.42
CA TYR A 192 16.49 -7.60 34.16
C TYR A 192 15.16 -8.31 33.98
N ALA A 193 14.09 -7.54 33.79
CA ALA A 193 12.75 -8.12 33.70
C ALA A 193 12.00 -7.51 32.53
N CYS A 194 11.24 -8.33 31.81
CA CYS A 194 10.26 -7.79 30.88
C CYS A 194 8.87 -8.17 31.39
N GLU A 195 7.98 -7.18 31.43
CA GLU A 195 6.64 -7.32 31.95
C GLU A 195 5.69 -7.22 30.76
N VAL A 196 4.86 -8.23 30.58
CA VAL A 196 4.01 -8.36 29.39
C VAL A 196 2.55 -8.32 29.81
N THR A 197 1.77 -7.48 29.13
CA THR A 197 0.33 -7.41 29.32
C THR A 197 -0.38 -7.80 28.03
N HIS A 198 -1.43 -8.60 28.16
CA HIS A 198 -2.19 -9.09 27.02
C HIS A 198 -3.57 -9.52 27.49
N GLN A 199 -4.56 -9.33 26.60
CA GLN A 199 -5.96 -9.64 26.91
C GLN A 199 -6.15 -11.07 27.39
N GLY A 200 -5.32 -12.00 26.93
CA GLY A 200 -5.42 -13.38 27.36
C GLY A 200 -4.91 -13.66 28.76
N LEU A 201 -4.37 -12.66 29.44
CA LEU A 201 -3.82 -12.82 30.79
C LEU A 201 -4.62 -11.98 31.78
N SER A 202 -4.83 -12.51 32.98
CA SER A 202 -5.55 -11.77 34.01
C SER A 202 -4.69 -10.72 34.69
N SER A 203 -3.37 -10.84 34.57
CA SER A 203 -2.42 -9.92 35.16
C SER A 203 -1.16 -9.98 34.32
N PRO A 204 -0.24 -9.02 34.46
CA PRO A 204 0.99 -9.07 33.68
C PRO A 204 1.80 -10.31 34.03
N VAL A 205 2.56 -10.80 33.05
CA VAL A 205 3.54 -11.83 33.30
C VAL A 205 4.92 -11.19 33.28
N THR A 206 5.75 -11.51 34.26
CA THR A 206 7.10 -10.99 34.37
C THR A 206 8.10 -12.12 34.19
N LYS A 207 8.99 -11.99 33.19
CA LYS A 207 10.09 -12.90 32.98
C LYS A 207 11.37 -12.13 33.30
N SER A 208 12.26 -12.74 34.08
CA SER A 208 13.44 -12.02 34.52
C SER A 208 14.62 -12.95 34.65
N PHE A 209 15.81 -12.36 34.69
CA PHE A 209 17.02 -13.07 35.09
C PHE A 209 17.83 -12.14 35.97
N ASN A 210 18.69 -12.74 36.79
CA ASN A 210 19.67 -12.01 37.59
C ASN A 210 21.01 -12.13 36.90
N ARG A 211 21.60 -10.99 36.52
CA ARG A 211 22.86 -11.01 35.78
C ARG A 211 23.93 -11.75 36.57
N GLY A 212 24.70 -12.58 35.87
CA GLY A 212 25.72 -13.39 36.50
C GLY A 212 25.19 -14.40 37.50
N PRO B 3 -14.09 28.89 -13.89
CA PRO B 3 -15.01 27.76 -14.08
C PRO B 3 -15.14 27.36 -15.54
N TRP B 4 -15.57 26.14 -15.80
CA TRP B 4 -15.80 25.70 -17.16
C TRP B 4 -17.27 25.34 -17.33
N ASN B 5 -17.79 25.63 -18.51
CA ASN B 5 -19.20 25.45 -18.82
C ASN B 5 -19.52 24.00 -19.16
N PRO B 6 -20.72 23.55 -18.81
CA PRO B 6 -21.18 22.22 -19.24
C PRO B 6 -21.09 22.08 -20.74
N PRO B 7 -20.86 20.87 -21.23
CA PRO B 7 -20.77 20.66 -22.69
C PRO B 7 -22.12 20.89 -23.34
N THR B 8 -22.08 21.23 -24.62
CA THR B 8 -23.27 21.25 -25.45
C THR B 8 -23.29 20.01 -26.34
N PHE B 9 -24.50 19.64 -26.75
CA PHE B 9 -24.72 18.38 -27.45
C PHE B 9 -25.75 18.64 -28.54
N SER B 10 -25.38 18.41 -29.78
CA SER B 10 -26.19 18.84 -30.91
C SER B 10 -26.16 17.79 -32.02
N PRO B 11 -27.19 17.77 -32.87
CA PRO B 11 -28.43 18.55 -32.80
C PRO B 11 -29.39 18.07 -31.72
N ALA B 12 -30.33 18.93 -31.31
CA ALA B 12 -31.31 18.53 -30.32
C ALA B 12 -32.19 17.39 -30.82
N LEU B 13 -32.41 17.31 -32.12
CA LEU B 13 -33.14 16.22 -32.75
C LEU B 13 -32.37 15.76 -33.98
N LEU B 14 -31.97 14.50 -33.99
CA LEU B 14 -31.24 13.92 -35.11
C LEU B 14 -32.07 12.77 -35.66
N VAL B 15 -32.42 12.85 -36.95
CA VAL B 15 -33.21 11.82 -37.62
C VAL B 15 -32.34 11.17 -38.68
N VAL B 16 -32.26 9.83 -38.68
CA VAL B 16 -31.56 9.08 -39.71
C VAL B 16 -32.39 7.87 -40.09
N THR B 17 -32.04 7.26 -41.23
CA THR B 17 -32.64 6.02 -41.66
C THR B 17 -31.85 4.83 -41.13
N GLU B 18 -32.55 3.77 -40.71
CA GLU B 18 -31.89 2.56 -40.24
C GLU B 18 -30.83 2.10 -41.23
N GLY B 19 -29.69 1.68 -40.71
CA GLY B 19 -28.58 1.23 -41.53
C GLY B 19 -27.56 2.29 -41.83
N ASP B 20 -27.93 3.56 -41.74
CA ASP B 20 -26.98 4.64 -41.92
C ASP B 20 -26.36 5.00 -40.58
N ASN B 21 -25.39 5.91 -40.61
CA ASN B 21 -24.73 6.36 -39.39
C ASN B 21 -25.40 7.63 -38.88
N ALA B 22 -25.33 7.82 -37.57
CA ALA B 22 -25.85 9.02 -36.92
C ALA B 22 -24.74 9.66 -36.11
N THR B 23 -24.53 10.96 -36.29
CA THR B 23 -23.43 11.65 -35.63
C THR B 23 -23.94 12.87 -34.87
N PHE B 24 -23.79 12.83 -33.55
CA PHE B 24 -23.95 14.01 -32.71
C PHE B 24 -22.60 14.70 -32.53
N THR B 25 -22.64 15.97 -32.11
CA THR B 25 -21.43 16.72 -31.76
C THR B 25 -21.55 17.16 -30.31
N CYS B 26 -20.58 16.75 -29.49
CA CYS B 26 -20.42 17.23 -28.12
C CYS B 26 -19.30 18.28 -28.13
N SER B 27 -19.57 19.45 -27.55
CA SER B 27 -18.64 20.56 -27.56
C SER B 27 -18.33 20.98 -26.13
N PHE B 28 -17.04 21.09 -25.81
CA PHE B 28 -16.59 21.13 -24.43
C PHE B 28 -15.24 21.81 -24.37
N SER B 29 -15.10 22.82 -23.52
CA SER B 29 -13.82 23.47 -23.30
C SER B 29 -13.41 23.28 -21.85
N ASN B 30 -12.29 22.58 -21.63
CA ASN B 30 -11.85 22.28 -20.27
C ASN B 30 -10.83 23.29 -19.77
N THR B 31 -10.71 23.34 -18.45
CA THR B 31 -9.77 24.22 -17.77
C THR B 31 -8.38 23.62 -17.61
N SER B 32 -8.22 22.32 -17.85
CA SER B 32 -6.92 21.67 -17.75
C SER B 32 -6.83 20.59 -18.82
N GLU B 33 -5.76 19.81 -18.78
CA GLU B 33 -5.58 18.71 -19.72
C GLU B 33 -6.14 17.38 -19.20
N SER B 34 -6.64 17.34 -17.97
CA SER B 34 -7.12 16.09 -17.38
C SER B 34 -8.65 16.06 -17.42
N PHE B 35 -9.19 15.37 -18.41
CA PHE B 35 -10.64 15.23 -18.53
C PHE B 35 -10.98 13.89 -19.15
N VAL B 36 -12.21 13.45 -18.92
CA VAL B 36 -12.81 12.32 -19.62
C VAL B 36 -14.17 12.77 -20.11
N LEU B 37 -14.45 12.54 -21.39
CA LEU B 37 -15.72 12.88 -21.99
C LEU B 37 -16.48 11.58 -22.23
N ASN B 38 -17.70 11.48 -21.68
CA ASN B 38 -18.51 10.28 -21.80
C ASN B 38 -19.75 10.53 -22.64
N TRP B 39 -20.15 9.50 -23.39
CA TRP B 39 -21.36 9.52 -24.19
C TRP B 39 -22.35 8.55 -23.57
N TYR B 40 -23.59 9.01 -23.33
CA TYR B 40 -24.58 8.18 -22.67
C TYR B 40 -25.87 8.14 -23.47
N ARG B 41 -26.60 7.06 -23.29
CA ARG B 41 -28.00 6.97 -23.66
C ARG B 41 -28.82 6.72 -22.42
N MET B 42 -30.00 7.34 -22.35
CA MET B 42 -30.88 7.11 -21.20
C MET B 42 -31.55 5.75 -21.33
N SER B 43 -31.48 4.96 -20.27
CA SER B 43 -32.15 3.68 -20.21
C SER B 43 -33.58 3.87 -19.77
N PRO B 44 -34.38 2.81 -19.76
CA PRO B 44 -35.57 2.80 -18.90
C PRO B 44 -35.12 3.00 -17.44
N SER B 45 -35.99 3.65 -16.66
CA SER B 45 -35.78 4.03 -15.25
C SER B 45 -34.87 5.24 -15.07
N ASN B 46 -34.62 6.03 -16.11
CA ASN B 46 -33.84 7.27 -16.01
C ASN B 46 -32.41 6.99 -15.54
N GLN B 47 -31.83 5.91 -16.05
CA GLN B 47 -30.44 5.60 -15.75
C GLN B 47 -29.59 5.77 -17.00
N THR B 48 -28.41 6.34 -16.83
CA THR B 48 -27.49 6.53 -17.95
C THR B 48 -26.74 5.25 -18.24
N ASP B 49 -26.63 4.91 -19.52
CA ASP B 49 -25.80 3.82 -19.99
C ASP B 49 -24.65 4.42 -20.77
N LYS B 50 -23.43 4.18 -20.30
CA LYS B 50 -22.26 4.71 -21.00
C LYS B 50 -22.04 3.95 -22.30
N LEU B 51 -21.97 4.69 -23.40
CA LEU B 51 -21.77 4.11 -24.73
C LEU B 51 -20.31 4.10 -25.14
N ALA B 52 -19.59 5.15 -24.78
CA ALA B 52 -18.21 5.35 -25.22
C ALA B 52 -17.61 6.44 -24.36
N ALA B 53 -16.28 6.52 -24.41
CA ALA B 53 -15.55 7.50 -23.61
C ALA B 53 -14.30 7.93 -24.36
N PHE B 54 -13.91 9.18 -24.16
CA PHE B 54 -12.67 9.73 -24.68
C PHE B 54 -11.92 10.42 -23.53
N PRO B 55 -10.71 9.99 -23.17
CA PRO B 55 -10.07 8.77 -23.67
C PRO B 55 -10.80 7.52 -23.22
N GLU B 56 -10.56 6.41 -23.93
CA GLU B 56 -11.28 5.18 -23.66
C GLU B 56 -10.92 4.61 -22.29
N ASP B 57 -11.88 3.90 -21.73
CA ASP B 57 -11.65 3.13 -20.50
C ASP B 57 -10.80 1.92 -20.86
N ARG B 58 -9.59 1.87 -20.31
CA ARG B 58 -8.62 0.87 -20.74
C ARG B 58 -9.00 -0.54 -20.29
N SER B 59 -9.85 -0.69 -19.29
CA SER B 59 -10.36 -2.00 -18.95
C SER B 59 -11.71 -2.27 -19.61
N GLN B 60 -12.23 -1.29 -20.35
CA GLN B 60 -13.44 -1.42 -21.14
C GLN B 60 -14.66 -1.81 -20.31
N SER B 65 -18.57 -1.58 -30.44
CA SER B 65 -17.76 -0.85 -31.40
C SER B 65 -18.64 0.01 -32.30
N ARG B 66 -19.96 -0.15 -32.21
CA ARG B 66 -20.87 0.68 -32.98
C ARG B 66 -20.95 2.12 -32.47
N PHE B 67 -20.41 2.40 -31.29
CA PHE B 67 -20.49 3.72 -30.69
C PHE B 67 -19.08 4.29 -30.61
N ARG B 68 -18.85 5.38 -31.33
CA ARG B 68 -17.50 5.88 -31.52
C ARG B 68 -17.43 7.38 -31.23
N VAL B 69 -16.30 7.80 -30.66
CA VAL B 69 -16.04 9.20 -30.34
C VAL B 69 -14.78 9.61 -31.09
N THR B 70 -14.87 10.74 -31.79
CA THR B 70 -13.76 11.27 -32.58
C THR B 70 -13.55 12.72 -32.16
N GLN B 71 -12.34 13.05 -31.72
CA GLN B 71 -12.01 14.44 -31.42
C GLN B 71 -11.69 15.18 -32.70
N LEU B 72 -12.32 16.32 -32.89
CA LEU B 72 -12.09 17.12 -34.08
C LEU B 72 -10.89 18.05 -33.86
N PRO B 73 -10.28 18.58 -34.93
CA PRO B 73 -9.00 19.29 -34.76
C PRO B 73 -9.07 20.55 -33.90
N ASN B 74 -10.24 21.18 -33.73
CA ASN B 74 -10.24 22.38 -32.89
C ASN B 74 -10.15 22.03 -31.41
N GLY B 75 -10.12 20.75 -31.06
CA GLY B 75 -9.92 20.30 -29.70
C GLY B 75 -11.18 20.25 -28.86
N ARG B 76 -12.13 21.15 -29.13
CA ARG B 76 -13.32 21.27 -28.31
C ARG B 76 -14.54 20.53 -28.85
N ASP B 77 -14.55 20.18 -30.13
CA ASP B 77 -15.68 19.47 -30.74
C ASP B 77 -15.36 17.98 -30.83
N PHE B 78 -16.36 17.15 -30.54
CA PHE B 78 -16.21 15.70 -30.57
C PHE B 78 -17.41 15.12 -31.31
N HIS B 79 -17.13 14.30 -32.31
CA HIS B 79 -18.19 13.54 -32.95
C HIS B 79 -18.50 12.30 -32.15
N MET B 80 -19.78 12.03 -31.93
CA MET B 80 -20.23 10.84 -31.24
C MET B 80 -21.18 10.15 -32.19
N SER B 81 -20.75 9.00 -32.71
CA SER B 81 -21.38 8.40 -33.88
C SER B 81 -21.92 7.03 -33.55
N VAL B 82 -23.18 6.79 -33.93
CA VAL B 82 -23.75 5.45 -33.99
C VAL B 82 -23.51 4.93 -35.39
N VAL B 83 -22.75 3.85 -35.51
CA VAL B 83 -22.47 3.24 -36.80
C VAL B 83 -23.54 2.21 -37.10
N ARG B 84 -24.11 2.28 -38.30
CA ARG B 84 -25.18 1.36 -38.73
C ARG B 84 -26.32 1.34 -37.72
N ALA B 85 -26.96 2.50 -37.59
CA ALA B 85 -28.00 2.68 -36.58
C ALA B 85 -29.17 1.72 -36.80
N ARG B 86 -29.77 1.30 -35.71
CA ARG B 86 -30.94 0.45 -35.70
C ARG B 86 -32.15 1.23 -35.21
N ARG B 87 -33.34 0.75 -35.59
CA ARG B 87 -34.58 1.37 -35.13
C ARG B 87 -34.59 1.50 -33.60
N ASN B 88 -34.08 0.48 -32.91
CA ASN B 88 -34.09 0.51 -31.45
C ASN B 88 -32.93 1.31 -30.85
N ASP B 89 -32.12 1.97 -31.68
CA ASP B 89 -31.22 3.00 -31.16
C ASP B 89 -31.94 4.31 -30.92
N SER B 90 -33.20 4.44 -31.37
CA SER B 90 -33.97 5.63 -31.10
C SER B 90 -34.09 5.84 -29.59
N GLY B 91 -33.80 7.06 -29.14
CA GLY B 91 -33.88 7.32 -27.71
C GLY B 91 -33.25 8.66 -27.39
N THR B 92 -32.96 8.87 -26.12
CA THR B 92 -32.42 10.13 -25.65
C THR B 92 -30.95 9.95 -25.30
N TYR B 93 -30.13 10.88 -25.78
CA TYR B 93 -28.69 10.80 -25.65
C TYR B 93 -28.16 12.09 -25.04
N LEU B 94 -26.97 11.99 -24.45
CA LEU B 94 -26.32 13.17 -23.88
C LEU B 94 -24.83 12.88 -23.75
N CYS B 95 -24.07 13.93 -23.45
CA CYS B 95 -22.67 13.73 -23.13
C CYS B 95 -22.40 14.26 -21.74
N GLY B 96 -21.42 13.67 -21.08
CA GLY B 96 -21.03 14.10 -19.76
C GLY B 96 -19.55 14.35 -19.72
N ALA B 97 -19.14 15.55 -19.31
CA ALA B 97 -17.74 15.91 -19.24
C ALA B 97 -17.31 15.81 -17.78
N ILE B 98 -16.17 15.18 -17.55
CA ILE B 98 -15.61 15.06 -16.20
C ILE B 98 -14.23 15.71 -16.19
N SER B 99 -14.10 16.81 -15.45
CA SER B 99 -12.79 17.39 -15.20
C SER B 99 -12.19 16.69 -13.99
N LEU B 100 -10.89 16.43 -14.06
CA LEU B 100 -10.19 15.80 -12.95
C LEU B 100 -9.19 16.71 -12.27
N ALA B 101 -8.97 17.92 -12.81
CA ALA B 101 -8.05 18.89 -12.25
C ALA B 101 -8.48 20.26 -12.71
N PRO B 102 -8.41 21.29 -11.84
CA PRO B 102 -7.93 21.20 -10.46
C PRO B 102 -8.95 20.58 -9.49
N LYS B 103 -10.19 20.38 -9.94
CA LYS B 103 -11.24 19.82 -9.10
C LYS B 103 -12.02 18.78 -9.87
N ALA B 104 -12.36 17.68 -9.21
CA ALA B 104 -13.22 16.67 -9.83
C ALA B 104 -14.64 17.22 -9.95
N GLN B 105 -15.12 17.37 -11.18
CA GLN B 105 -16.45 17.91 -11.45
C GLN B 105 -17.07 17.14 -12.61
N ILE B 106 -18.35 16.81 -12.49
CA ILE B 106 -19.11 16.11 -13.53
C ILE B 106 -20.19 17.05 -14.01
N LYS B 107 -20.23 17.29 -15.32
CA LYS B 107 -21.24 18.17 -15.89
C LYS B 107 -21.85 17.53 -17.12
N GLU B 108 -23.17 17.40 -17.12
CA GLU B 108 -23.89 16.81 -18.24
C GLU B 108 -24.35 17.89 -19.21
N SER B 109 -24.47 17.49 -20.47
CA SER B 109 -25.12 18.32 -21.47
C SER B 109 -26.64 18.23 -21.34
N LEU B 110 -27.32 19.16 -22.00
CA LEU B 110 -28.74 18.94 -22.29
C LEU B 110 -28.91 17.68 -23.14
N ARG B 111 -30.09 17.09 -23.07
CA ARG B 111 -30.33 15.81 -23.73
C ARG B 111 -30.89 16.03 -25.12
N ALA B 112 -30.47 15.17 -26.05
CA ALA B 112 -30.93 15.21 -27.43
C ALA B 112 -31.65 13.92 -27.77
N GLU B 113 -32.46 13.96 -28.81
CA GLU B 113 -33.20 12.79 -29.28
C GLU B 113 -32.63 12.29 -30.59
N LEU B 114 -32.49 10.97 -30.69
CA LEU B 114 -32.19 10.28 -31.94
C LEU B 114 -33.43 9.52 -32.39
N ARG B 115 -33.85 9.75 -33.62
CA ARG B 115 -34.92 8.99 -34.25
C ARG B 115 -34.33 8.24 -35.42
N VAL B 116 -34.43 6.91 -35.39
CA VAL B 116 -33.96 6.06 -36.47
C VAL B 116 -35.19 5.48 -37.14
N THR B 117 -35.40 5.83 -38.41
CA THR B 117 -36.64 5.50 -39.11
C THR B 117 -36.51 4.21 -39.92
N GLU B 118 -37.66 3.61 -40.21
CA GLU B 118 -37.68 2.44 -41.07
C GLU B 118 -37.31 2.84 -42.50
N ARG B 119 -36.47 2.03 -43.14
CA ARG B 119 -36.08 2.36 -44.51
C ARG B 119 -37.25 2.15 -45.47
N GLU C 1 -3.10 -5.58 -23.19
CA GLU C 1 -2.77 -5.58 -21.76
C GLU C 1 -2.06 -4.29 -21.38
N VAL C 2 -2.59 -3.57 -20.40
CA VAL C 2 -1.92 -2.40 -19.87
C VAL C 2 -0.82 -2.87 -18.92
N GLN C 3 0.40 -2.36 -19.12
CA GLN C 3 1.51 -2.70 -18.24
C GLN C 3 2.34 -1.47 -17.93
N LEU C 4 2.82 -1.39 -16.69
CA LEU C 4 3.69 -0.32 -16.21
C LEU C 4 4.85 -0.98 -15.48
N LEU C 5 6.06 -0.48 -15.73
CA LEU C 5 7.27 -1.09 -15.19
C LEU C 5 8.24 0.01 -14.76
N GLU C 6 8.50 0.12 -13.46
CA GLU C 6 9.42 1.11 -12.90
C GLU C 6 10.87 0.65 -12.95
N SER C 7 11.77 1.64 -12.92
CA SER C 7 13.18 1.35 -12.71
C SER C 7 13.84 2.56 -12.06
N GLY C 8 14.99 2.31 -11.44
CA GLY C 8 15.85 3.38 -10.97
C GLY C 8 16.00 3.49 -9.47
N GLY C 9 15.18 2.83 -8.68
CA GLY C 9 15.28 2.97 -7.23
C GLY C 9 16.53 2.30 -6.66
N GLY C 10 17.12 2.95 -5.67
CA GLY C 10 18.26 2.38 -4.99
C GLY C 10 18.61 3.22 -3.80
N LEU C 11 19.86 3.08 -3.38
CA LEU C 11 20.39 3.74 -2.20
C LEU C 11 21.02 5.07 -2.59
N VAL C 12 20.70 6.12 -1.83
CA VAL C 12 21.24 7.45 -2.07
C VAL C 12 21.44 8.14 -0.72
N GLN C 13 22.47 8.99 -0.63
CA GLN C 13 22.72 9.67 0.62
C GLN C 13 21.77 10.85 0.80
N PRO C 14 21.50 11.25 2.05
CA PRO C 14 20.66 12.43 2.27
C PRO C 14 21.22 13.65 1.55
N GLY C 15 20.33 14.42 0.94
CA GLY C 15 20.70 15.55 0.12
C GLY C 15 21.01 15.21 -1.32
N GLY C 16 21.11 13.92 -1.65
CA GLY C 16 21.43 13.48 -2.99
C GLY C 16 20.23 13.47 -3.92
N SER C 17 20.46 12.89 -5.10
CA SER C 17 19.48 12.91 -6.17
C SER C 17 19.36 11.54 -6.80
N LEU C 18 18.18 11.27 -7.37
CA LEU C 18 17.87 10.00 -8.01
C LEU C 18 16.80 10.26 -9.04
N ARG C 19 16.89 9.56 -10.18
CA ARG C 19 15.88 9.65 -11.23
C ARG C 19 15.21 8.30 -11.40
N LEU C 20 13.88 8.28 -11.26
CA LEU C 20 13.09 7.09 -11.54
C LEU C 20 12.46 7.18 -12.92
N SER C 21 12.24 6.04 -13.55
CA SER C 21 11.52 6.00 -14.80
C SER C 21 10.46 4.91 -14.74
N CYS C 22 9.48 5.01 -15.63
CA CYS C 22 8.42 4.03 -15.73
C CYS C 22 8.10 3.87 -17.20
N ALA C 23 8.16 2.63 -17.69
CA ALA C 23 7.84 2.34 -19.07
C ALA C 23 6.43 1.79 -19.17
N ALA C 24 5.65 2.32 -20.10
CA ALA C 24 4.24 1.96 -20.24
C ALA C 24 3.97 1.28 -21.57
N SER C 25 2.99 0.38 -21.58
CA SER C 25 2.56 -0.25 -22.81
C SER C 25 1.09 -0.61 -22.70
N GLY C 26 0.48 -0.82 -23.87
CA GLY C 26 -0.88 -1.31 -23.93
C GLY C 26 -1.94 -0.26 -24.04
N PHE C 27 -1.57 1.01 -24.17
CA PHE C 27 -2.52 2.09 -24.31
C PHE C 27 -1.81 3.26 -24.98
N THR C 28 -2.60 4.22 -25.45
CA THR C 28 -2.05 5.42 -26.07
C THR C 28 -1.56 6.31 -24.95
N PHE C 29 -0.25 6.30 -24.72
CA PHE C 29 0.34 6.87 -23.51
C PHE C 29 -0.06 8.34 -23.34
N SER C 30 0.07 9.14 -24.40
CA SER C 30 -0.14 10.57 -24.32
C SER C 30 -1.59 10.95 -24.04
N SER C 31 -2.52 10.00 -24.11
CA SER C 31 -3.91 10.31 -23.83
C SER C 31 -4.26 10.25 -22.34
N TYR C 32 -3.35 9.80 -21.47
CA TYR C 32 -3.70 9.54 -20.08
C TYR C 32 -2.77 10.25 -19.11
N ASP C 33 -3.37 10.69 -17.99
CA ASP C 33 -2.59 11.13 -16.85
C ASP C 33 -1.68 10.01 -16.36
N MET C 34 -0.57 10.40 -15.75
CA MET C 34 0.35 9.47 -15.10
C MET C 34 0.72 10.01 -13.73
N SER C 35 1.03 9.09 -12.80
CA SER C 35 1.28 9.51 -11.42
C SER C 35 2.38 8.68 -10.77
N TRP C 36 2.88 9.22 -9.67
CA TRP C 36 3.73 8.48 -8.75
C TRP C 36 3.06 8.45 -7.38
N VAL C 37 3.12 7.28 -6.73
CA VAL C 37 2.56 7.04 -5.40
C VAL C 37 3.63 6.30 -4.63
N ARG C 38 3.81 6.62 -3.35
CA ARG C 38 4.87 5.97 -2.61
C ARG C 38 4.35 5.39 -1.30
N GLN C 39 5.17 4.51 -0.72
CA GLN C 39 4.79 3.82 0.50
C GLN C 39 6.05 3.63 1.33
N ALA C 40 6.14 4.38 2.42
CA ALA C 40 7.30 4.26 3.30
C ALA C 40 7.24 2.92 4.06
N PRO C 41 8.39 2.40 4.51
CA PRO C 41 8.39 1.10 5.19
C PRO C 41 7.41 0.99 6.32
N GLY C 42 6.50 0.02 6.23
CA GLY C 42 5.52 -0.09 7.30
C GLY C 42 4.41 0.95 7.33
N LYS C 43 4.31 1.88 6.37
CA LYS C 43 3.31 2.95 6.39
C LYS C 43 2.35 2.74 5.24
N GLY C 44 1.43 3.68 5.08
CA GLY C 44 0.40 3.60 4.06
C GLY C 44 0.82 4.29 2.78
N LEU C 45 -0.12 4.35 1.86
CA LEU C 45 0.11 4.96 0.57
C LEU C 45 0.06 6.50 0.65
N GLU C 46 0.95 7.15 -0.11
CA GLU C 46 0.97 8.60 -0.22
C GLU C 46 1.12 9.00 -1.68
N TRP C 47 0.18 9.78 -2.19
CA TRP C 47 0.32 10.32 -3.53
C TRP C 47 1.49 11.31 -3.58
N VAL C 48 2.29 11.23 -4.64
CA VAL C 48 3.47 12.07 -4.81
C VAL C 48 3.26 13.15 -5.88
N SER C 49 2.79 12.74 -7.06
CA SER C 49 2.76 13.68 -8.18
C SER C 49 1.90 13.11 -9.30
N THR C 50 1.29 14.02 -10.09
CA THR C 50 0.55 13.65 -11.30
C THR C 50 0.98 14.58 -12.43
N ILE C 51 1.04 14.03 -13.64
CA ILE C 51 1.30 14.82 -14.85
C ILE C 51 0.22 14.52 -15.88
N SER C 52 -0.25 15.58 -16.54
CA SER C 52 -1.30 15.42 -17.55
C SER C 52 -0.75 14.71 -18.78
N GLY C 53 -1.68 14.21 -19.60
CA GLY C 53 -1.30 13.46 -20.81
C GLY C 53 -0.31 14.19 -21.68
N GLY C 54 -0.59 15.48 -21.95
CA GLY C 54 0.27 16.30 -22.78
C GLY C 54 1.50 16.85 -22.08
N GLY C 55 1.58 16.69 -20.76
CA GLY C 55 2.74 17.10 -20.01
C GLY C 55 2.71 18.52 -19.48
N SER C 56 1.72 19.34 -19.86
CA SER C 56 1.75 20.76 -19.49
C SER C 56 1.36 21.01 -18.04
N TYR C 57 0.59 20.11 -17.44
CA TYR C 57 0.08 20.29 -16.09
C TYR C 57 0.74 19.28 -15.16
N THR C 58 1.32 19.78 -14.07
CA THR C 58 1.98 18.94 -13.08
C THR C 58 1.49 19.34 -11.69
N TYR C 59 1.37 18.36 -10.81
CA TYR C 59 0.81 18.54 -9.49
C TYR C 59 1.67 17.76 -8.51
N TYR C 60 1.89 18.33 -7.32
CA TYR C 60 2.84 17.75 -6.36
C TYR C 60 2.29 17.76 -4.95
N GLN C 61 2.62 16.70 -4.20
CA GLN C 61 2.48 16.69 -2.75
C GLN C 61 3.35 17.77 -2.15
N ASP C 62 2.82 18.46 -1.14
CA ASP C 62 3.49 19.66 -0.62
C ASP C 62 4.91 19.37 -0.17
N SER C 63 5.12 18.21 0.46
CA SER C 63 6.43 17.90 1.04
C SER C 63 7.52 17.67 -0.01
N VAL C 64 7.16 17.49 -1.28
CA VAL C 64 8.15 17.30 -2.33
C VAL C 64 8.22 18.50 -3.28
N LYS C 65 7.37 19.50 -3.09
CA LYS C 65 7.41 20.68 -3.95
C LYS C 65 8.78 21.33 -3.91
N GLY C 66 9.31 21.68 -5.09
CA GLY C 66 10.61 22.29 -5.17
C GLY C 66 11.78 21.33 -5.10
N ARG C 67 11.52 20.05 -4.85
CA ARG C 67 12.55 19.02 -4.83
C ARG C 67 12.37 17.96 -5.90
N PHE C 68 11.13 17.53 -6.15
CA PHE C 68 10.82 16.51 -7.14
C PHE C 68 10.24 17.16 -8.39
N THR C 69 10.56 16.61 -9.55
CA THR C 69 9.97 17.06 -10.81
C THR C 69 9.47 15.85 -11.59
N ILE C 70 8.20 15.85 -11.93
CA ILE C 70 7.61 14.83 -12.78
C ILE C 70 7.69 15.30 -14.23
N SER C 71 7.96 14.36 -15.14
CA SER C 71 8.00 14.67 -16.56
C SER C 71 7.68 13.41 -17.35
N ARG C 72 7.48 13.56 -18.65
CA ARG C 72 7.18 12.40 -19.48
C ARG C 72 7.73 12.62 -20.87
N ASP C 73 8.03 11.51 -21.55
CA ASP C 73 8.45 11.52 -22.95
C ASP C 73 7.41 10.71 -23.70
N ASN C 74 6.49 11.41 -24.35
CA ASN C 74 5.38 10.70 -24.99
C ASN C 74 5.82 9.95 -26.24
N SER C 75 6.97 10.30 -26.82
CA SER C 75 7.46 9.55 -27.98
C SER C 75 8.08 8.22 -27.58
N LYS C 76 8.35 8.01 -26.29
CA LYS C 76 9.00 6.80 -25.81
C LYS C 76 8.18 6.10 -24.72
N ASN C 77 6.94 6.51 -24.50
CA ASN C 77 6.05 5.88 -23.53
C ASN C 77 6.71 5.77 -22.15
N THR C 78 7.38 6.84 -21.72
CA THR C 78 8.13 6.81 -20.46
C THR C 78 7.73 7.96 -19.54
N LEU C 79 7.52 7.63 -18.26
CA LEU C 79 7.30 8.59 -17.19
C LEU C 79 8.57 8.70 -16.36
N TYR C 80 8.86 9.91 -15.87
CA TYR C 80 10.04 10.15 -15.04
C TYR C 80 9.68 10.84 -13.71
N LEU C 81 10.49 10.60 -12.70
CA LEU C 81 10.48 11.38 -11.47
C LEU C 81 11.92 11.75 -11.13
N GLN C 82 12.26 13.02 -11.26
CA GLN C 82 13.56 13.53 -10.84
C GLN C 82 13.46 13.94 -9.37
N MET C 83 14.23 13.28 -8.52
CA MET C 83 14.16 13.54 -7.07
C MET C 83 15.47 14.16 -6.64
N ASN C 84 15.43 15.45 -6.28
CA ASN C 84 16.60 16.15 -5.78
C ASN C 84 16.44 16.43 -4.30
N SER C 85 17.56 16.79 -3.67
CA SER C 85 17.57 17.11 -2.24
C SER C 85 16.81 16.07 -1.42
N LEU C 86 17.14 14.81 -1.64
CA LEU C 86 16.41 13.73 -1.01
C LEU C 86 16.59 13.74 0.51
N ARG C 87 15.55 13.31 1.19
CA ARG C 87 15.47 13.29 2.65
C ARG C 87 15.22 11.87 3.12
N ALA C 88 15.60 11.61 4.37
CA ALA C 88 15.41 10.28 4.96
C ALA C 88 13.99 9.78 4.80
N GLU C 89 13.00 10.66 5.03
CA GLU C 89 11.60 10.26 4.96
C GLU C 89 11.10 10.11 3.52
N ASP C 90 11.94 10.37 2.52
CA ASP C 90 11.61 9.97 1.15
C ASP C 90 11.86 8.49 0.89
N THR C 91 12.44 7.76 1.86
CA THR C 91 12.62 6.32 1.74
C THR C 91 11.27 5.65 1.60
N ALA C 92 11.09 4.88 0.53
CA ALA C 92 9.78 4.32 0.23
C ALA C 92 9.91 3.41 -0.97
N VAL C 93 8.90 2.55 -1.16
CA VAL C 93 8.62 2.00 -2.49
C VAL C 93 7.87 3.05 -3.29
N TYR C 94 8.34 3.31 -4.51
CA TYR C 94 7.69 4.24 -5.43
C TYR C 94 7.00 3.45 -6.53
N TYR C 95 5.69 3.65 -6.66
CA TYR C 95 4.87 3.05 -7.70
C TYR C 95 4.57 4.06 -8.78
N CYS C 96 4.78 3.67 -10.04
CA CYS C 96 4.16 4.32 -11.17
C CYS C 96 2.70 3.91 -11.23
N ALA C 97 1.83 4.85 -11.59
CA ALA C 97 0.41 4.52 -11.73
C ALA C 97 -0.18 5.41 -12.79
N SER C 98 -1.38 5.05 -13.25
CA SER C 98 -2.06 5.87 -14.24
C SER C 98 -3.49 6.14 -13.80
N PRO C 99 -3.82 7.37 -13.39
CA PRO C 99 -5.20 7.70 -13.06
C PRO C 99 -6.09 7.73 -14.31
N TYR C 100 -7.31 7.22 -14.16
CA TYR C 100 -8.35 7.54 -15.10
C TYR C 100 -9.43 8.37 -14.43
N TYR C 101 -10.06 7.83 -13.40
CA TYR C 101 -10.63 8.63 -12.32
C TYR C 101 -9.87 8.32 -11.05
N ALA C 102 -9.91 7.06 -10.62
CA ALA C 102 -8.97 6.52 -9.67
C ALA C 102 -7.81 5.93 -10.44
N MET C 103 -6.82 5.39 -9.73
CA MET C 103 -5.65 4.82 -10.40
C MET C 103 -5.97 3.36 -10.73
N ASP C 104 -6.36 3.10 -11.98
CA ASP C 104 -6.76 1.73 -12.29
C ASP C 104 -5.59 0.85 -12.68
N TYR C 105 -4.40 1.41 -12.92
CA TYR C 105 -3.23 0.62 -13.28
C TYR C 105 -2.02 1.09 -12.51
N TRP C 106 -1.24 0.12 -12.05
CA TRP C 106 -0.10 0.34 -11.17
C TRP C 106 1.08 -0.49 -11.67
N GLY C 107 2.29 0.01 -11.43
CA GLY C 107 3.49 -0.77 -11.59
C GLY C 107 3.72 -1.66 -10.37
N GLN C 108 4.90 -2.26 -10.33
CA GLN C 108 5.26 -3.19 -9.25
C GLN C 108 6.04 -2.51 -8.14
N GLY C 109 6.47 -1.28 -8.34
CA GLY C 109 7.22 -0.50 -7.38
C GLY C 109 8.71 -0.66 -7.56
N THR C 110 9.43 0.39 -7.18
CA THR C 110 10.88 0.37 -7.10
C THR C 110 11.29 0.97 -5.76
N THR C 111 12.28 0.36 -5.10
CA THR C 111 12.60 0.73 -3.72
C THR C 111 13.68 1.81 -3.68
N VAL C 112 13.39 2.90 -2.96
CA VAL C 112 14.33 4.00 -2.76
C VAL C 112 14.70 4.06 -1.28
N THR C 113 16.00 4.12 -0.99
CA THR C 113 16.47 4.20 0.39
C THR C 113 17.39 5.39 0.51
N VAL C 114 17.08 6.31 1.41
CA VAL C 114 17.87 7.52 1.63
C VAL C 114 18.54 7.37 2.98
N SER C 115 19.86 7.17 2.98
CA SER C 115 20.60 6.89 4.20
C SER C 115 22.07 7.22 4.01
N SER C 116 22.70 7.65 5.13
CA SER C 116 24.14 7.87 5.23
C SER C 116 24.93 6.62 5.58
N ALA C 117 24.26 5.51 5.87
CA ALA C 117 24.97 4.34 6.37
C ALA C 117 25.77 3.69 5.25
N SER C 118 26.80 2.93 5.64
CA SER C 118 27.61 2.22 4.66
C SER C 118 27.54 0.71 4.90
N THR C 119 27.98 -0.04 3.88
CA THR C 119 27.87 -1.49 3.89
C THR C 119 28.59 -2.10 5.08
N LYS C 120 27.90 -2.96 5.82
CA LYS C 120 28.45 -3.61 6.99
C LYS C 120 27.77 -4.96 7.17
N GLY C 121 28.56 -6.01 7.37
CA GLY C 121 28.01 -7.31 7.67
C GLY C 121 27.56 -7.41 9.11
N PRO C 122 26.57 -8.26 9.39
CA PRO C 122 26.06 -8.38 10.76
C PRO C 122 26.98 -9.19 11.66
N SER C 123 26.88 -8.89 12.95
CA SER C 123 27.37 -9.79 13.98
C SER C 123 26.21 -10.67 14.42
N VAL C 124 26.49 -11.94 14.66
CA VAL C 124 25.46 -12.91 14.99
C VAL C 124 25.73 -13.43 16.39
N PHE C 125 24.73 -13.30 17.26
CA PHE C 125 24.89 -13.73 18.64
C PHE C 125 23.82 -14.73 19.01
N PRO C 126 24.13 -15.67 19.91
CA PRO C 126 23.11 -16.65 20.31
C PRO C 126 22.14 -16.08 21.34
N LEU C 127 20.87 -16.46 21.17
CA LEU C 127 19.84 -16.30 22.19
C LEU C 127 19.68 -17.67 22.82
N ALA C 128 20.33 -17.89 23.95
CA ALA C 128 20.47 -19.25 24.45
C ALA C 128 19.20 -19.69 25.20
N PRO C 129 18.83 -20.96 25.07
CA PRO C 129 17.64 -21.49 25.79
C PRO C 129 17.82 -21.49 27.30
N GLY C 137 6.90 -27.57 28.94
CA GLY C 137 7.99 -28.34 28.36
C GLY C 137 8.43 -27.84 27.00
N THR C 138 8.27 -26.54 26.75
CA THR C 138 8.70 -25.90 25.51
C THR C 138 9.80 -24.91 25.81
N ALA C 139 10.89 -24.98 25.03
CA ALA C 139 12.01 -24.06 25.16
C ALA C 139 12.09 -23.17 23.93
N ALA C 140 12.61 -21.96 24.13
CA ALA C 140 12.86 -21.03 23.03
C ALA C 140 14.34 -20.73 22.94
N LEU C 141 14.84 -20.61 21.72
CA LEU C 141 16.22 -20.21 21.47
C LEU C 141 16.24 -19.42 20.18
N GLY C 142 17.36 -18.80 19.88
CA GLY C 142 17.37 -17.97 18.69
C GLY C 142 18.73 -17.40 18.39
N CYS C 143 18.74 -16.48 17.43
CA CYS C 143 19.92 -15.77 17.01
C CYS C 143 19.60 -14.29 16.84
N LEU C 144 20.48 -13.46 17.37
CA LEU C 144 20.39 -12.02 17.21
C LEU C 144 21.33 -11.60 16.10
N VAL C 145 20.78 -10.96 15.07
CA VAL C 145 21.54 -10.55 13.87
C VAL C 145 21.60 -9.04 13.90
N LYS C 146 22.73 -8.49 14.31
CA LYS C 146 22.79 -7.10 14.70
C LYS C 146 23.76 -6.29 13.84
N ASP C 147 23.35 -5.05 13.57
CA ASP C 147 24.22 -4.00 13.00
C ASP C 147 24.70 -4.32 11.59
N TYR C 148 23.75 -4.45 10.67
CA TYR C 148 24.07 -4.66 9.26
C TYR C 148 23.42 -3.58 8.41
N PHE C 149 23.96 -3.43 7.20
CA PHE C 149 23.45 -2.50 6.20
C PHE C 149 24.07 -2.87 4.86
N PRO C 150 23.31 -2.82 3.76
CA PRO C 150 21.87 -2.57 3.74
C PRO C 150 21.06 -3.83 4.01
N GLU C 151 19.73 -3.72 3.94
CA GLU C 151 18.92 -4.92 3.87
C GLU C 151 19.16 -5.63 2.55
N PRO C 152 18.89 -6.94 2.48
CA PRO C 152 18.35 -7.84 3.49
C PRO C 152 19.38 -8.80 4.07
N VAL C 153 19.00 -9.48 5.15
CA VAL C 153 19.67 -10.70 5.56
C VAL C 153 18.68 -11.84 5.40
N THR C 154 19.21 -13.05 5.26
CA THR C 154 18.43 -14.26 5.27
C THR C 154 18.88 -15.12 6.44
N VAL C 155 17.94 -15.78 7.09
CA VAL C 155 18.21 -16.65 8.23
C VAL C 155 17.53 -17.98 7.97
N SER C 156 18.28 -19.06 8.17
CA SER C 156 17.69 -20.40 8.21
C SER C 156 18.20 -21.08 9.47
N TRP C 157 17.60 -22.22 9.79
CA TRP C 157 18.02 -23.04 10.93
C TRP C 157 18.37 -24.43 10.45
N ASN C 158 19.53 -24.93 10.87
CA ASN C 158 19.99 -26.27 10.50
C ASN C 158 19.88 -26.48 8.99
N SER C 159 20.30 -25.46 8.24
CA SER C 159 20.34 -25.46 6.77
C SER C 159 18.97 -25.75 6.17
N GLY C 160 17.91 -25.27 6.83
CA GLY C 160 16.57 -25.48 6.36
C GLY C 160 15.85 -26.68 6.94
N ALA C 161 16.54 -27.52 7.71
CA ALA C 161 15.90 -28.71 8.26
C ALA C 161 14.96 -28.37 9.41
N LEU C 162 15.13 -27.22 10.03
CA LEU C 162 14.26 -26.77 11.11
C LEU C 162 13.46 -25.58 10.59
N THR C 163 12.16 -25.80 10.35
CA THR C 163 11.28 -24.74 9.88
C THR C 163 10.06 -24.58 10.78
N SER C 164 9.57 -25.69 11.34
CA SER C 164 8.44 -25.64 12.24
C SER C 164 8.79 -24.83 13.50
N GLY C 165 7.92 -23.88 13.83
CA GLY C 165 8.12 -23.08 15.02
C GLY C 165 9.13 -21.95 14.88
N VAL C 166 9.65 -21.71 13.68
CA VAL C 166 10.61 -20.63 13.47
C VAL C 166 9.87 -19.33 13.24
N HIS C 167 10.35 -18.25 13.87
CA HIS C 167 9.88 -16.91 13.61
C HIS C 167 11.09 -16.02 13.40
N THR C 168 11.21 -15.45 12.19
CA THR C 168 12.24 -14.46 11.89
C THR C 168 11.54 -13.12 11.78
N PHE C 169 11.88 -12.19 12.66
CA PHE C 169 11.15 -10.95 12.79
C PHE C 169 11.56 -9.97 11.70
N PRO C 170 10.67 -9.05 11.36
CA PRO C 170 11.07 -7.94 10.48
C PRO C 170 12.24 -7.18 11.09
N ALA C 171 13.16 -6.77 10.23
CA ALA C 171 14.29 -5.97 10.72
C ALA C 171 13.78 -4.65 11.27
N VAL C 172 14.47 -4.13 12.28
CA VAL C 172 14.21 -2.79 12.79
C VAL C 172 15.40 -1.91 12.43
N LEU C 173 15.11 -0.67 12.08
CA LEU C 173 16.13 0.32 11.79
C LEU C 173 16.54 0.98 13.10
N GLN C 174 17.82 0.93 13.42
CA GLN C 174 18.33 1.53 14.64
C GLN C 174 18.73 2.99 14.41
N SER C 175 18.91 3.73 15.51
CA SER C 175 19.30 5.13 15.40
C SER C 175 20.64 5.30 14.71
N SER C 176 21.50 4.29 14.78
CA SER C 176 22.77 4.29 14.08
C SER C 176 22.63 4.28 12.58
N GLY C 177 21.43 3.99 12.07
CA GLY C 177 21.21 3.74 10.65
C GLY C 177 21.46 2.32 10.23
N LEU C 178 21.85 1.44 11.14
CA LEU C 178 22.00 0.02 10.83
C LEU C 178 20.76 -0.74 11.25
N TYR C 179 20.56 -1.89 10.62
CA TYR C 179 19.44 -2.77 10.90
C TYR C 179 19.84 -3.86 11.87
N SER C 180 18.85 -4.42 12.55
CA SER C 180 19.06 -5.62 13.35
C SER C 180 17.76 -6.40 13.36
N LEU C 181 17.88 -7.72 13.48
CA LEU C 181 16.69 -8.53 13.67
C LEU C 181 17.06 -9.74 14.53
N SER C 182 16.04 -10.47 14.94
CA SER C 182 16.27 -11.74 15.61
C SER C 182 15.45 -12.80 14.92
N SER C 183 15.91 -14.05 15.04
CA SER C 183 15.18 -15.20 14.59
C SER C 183 15.09 -16.14 15.78
N VAL C 184 13.90 -16.69 16.04
CA VAL C 184 13.68 -17.55 17.20
C VAL C 184 12.97 -18.81 16.75
N VAL C 185 13.06 -19.82 17.60
CA VAL C 185 12.37 -21.08 17.36
C VAL C 185 12.02 -21.67 18.72
N THR C 186 10.83 -22.27 18.82
CA THR C 186 10.49 -23.03 20.00
C THR C 186 10.58 -24.51 19.68
N VAL C 187 11.12 -25.28 20.64
CA VAL C 187 11.38 -26.71 20.49
C VAL C 187 10.99 -27.39 21.79
N PRO C 188 10.80 -28.71 21.76
CA PRO C 188 10.59 -29.42 23.02
C PRO C 188 11.81 -29.28 23.93
N SER C 189 11.54 -29.04 25.21
CA SER C 189 12.63 -28.88 26.18
C SER C 189 13.54 -30.10 26.18
N SER C 190 12.97 -31.30 25.99
CA SER C 190 13.77 -32.51 25.95
C SER C 190 14.71 -32.55 24.74
N SER C 191 14.38 -31.82 23.67
CA SER C 191 15.20 -31.86 22.46
C SER C 191 16.55 -31.19 22.63
N LEU C 192 16.72 -30.35 23.65
CA LEU C 192 17.98 -29.64 23.83
C LEU C 192 19.15 -30.57 24.10
N GLY C 193 18.87 -31.82 24.47
CA GLY C 193 19.93 -32.77 24.77
C GLY C 193 20.20 -33.76 23.65
N THR C 194 19.34 -33.79 22.63
CA THR C 194 19.51 -34.71 21.52
C THR C 194 19.64 -34.02 20.17
N GLN C 195 19.49 -32.70 20.13
CA GLN C 195 19.51 -31.95 18.88
C GLN C 195 20.54 -30.84 18.98
N THR C 196 21.12 -30.49 17.83
CA THR C 196 21.99 -29.34 17.68
C THR C 196 21.25 -28.27 16.90
N TYR C 197 21.36 -27.02 17.35
CA TYR C 197 20.67 -25.91 16.71
C TYR C 197 21.70 -24.91 16.21
N ILE C 198 21.70 -24.68 14.89
CA ILE C 198 22.64 -23.77 14.25
C ILE C 198 21.83 -22.82 13.38
N CYS C 199 22.00 -21.52 13.59
CA CYS C 199 21.36 -20.56 12.69
C CYS C 199 22.33 -20.18 11.59
N ASN C 200 21.80 -20.11 10.37
CA ASN C 200 22.58 -19.79 9.18
C ASN C 200 22.17 -18.41 8.69
N VAL C 201 23.11 -17.47 8.70
CA VAL C 201 22.85 -16.09 8.35
C VAL C 201 23.65 -15.76 7.09
N ASN C 202 23.00 -15.11 6.12
CA ASN C 202 23.67 -14.66 4.92
C ASN C 202 23.35 -13.19 4.71
N HIS C 203 24.38 -12.38 4.51
CA HIS C 203 24.24 -10.98 4.16
C HIS C 203 25.07 -10.79 2.89
N LYS C 204 24.42 -10.95 1.75
CA LYS C 204 25.16 -10.94 0.49
C LYS C 204 25.90 -9.64 0.18
N PRO C 205 25.40 -8.44 0.53
CA PRO C 205 26.16 -7.22 0.21
C PRO C 205 27.57 -7.20 0.78
N SER C 206 27.84 -7.95 1.85
CA SER C 206 29.16 -7.99 2.46
C SER C 206 29.84 -9.34 2.33
N ASN C 207 29.25 -10.26 1.57
CA ASN C 207 29.75 -11.63 1.43
C ASN C 207 29.83 -12.33 2.78
N THR C 208 28.97 -11.95 3.72
CA THR C 208 28.97 -12.52 5.06
C THR C 208 28.06 -13.74 5.10
N LYS C 209 28.65 -14.92 5.30
CA LYS C 209 27.90 -16.16 5.49
C LYS C 209 28.33 -16.74 6.83
N VAL C 210 27.44 -16.68 7.82
CA VAL C 210 27.75 -17.00 9.20
C VAL C 210 26.89 -18.19 9.65
N ASP C 211 27.50 -19.12 10.37
CA ASP C 211 26.78 -20.16 11.08
C ASP C 211 27.08 -20.00 12.56
N LYS C 212 26.05 -20.07 13.39
CA LYS C 212 26.19 -19.89 14.82
C LYS C 212 25.48 -21.02 15.53
N LYS C 213 26.22 -21.81 16.29
CA LYS C 213 25.64 -22.83 17.14
C LYS C 213 25.01 -22.16 18.35
N VAL C 214 23.78 -22.54 18.68
CA VAL C 214 23.05 -22.00 19.82
C VAL C 214 22.81 -23.14 20.80
N GLU C 215 23.40 -23.04 21.99
CA GLU C 215 23.36 -24.10 22.98
C GLU C 215 23.10 -23.50 24.35
N PRO C 216 22.62 -24.30 25.31
CA PRO C 216 22.40 -23.84 26.70
C PRO C 216 23.60 -23.16 27.35
#